data_4ML7
#
_entry.id   4ML7
#
_cell.length_a   100.253
_cell.length_b   88.984
_cell.length_c   66.206
_cell.angle_alpha   90.00
_cell.angle_beta   90.00
_cell.angle_gamma   90.00
#
_symmetry.space_group_name_H-M   'P 21 21 2'
#
loop_
_entity.id
_entity.type
_entity.pdbx_description
1 polymer 'Lysozyme C'
2 polymer Humanlysozyme
3 water water
#
loop_
_entity_poly.entity_id
_entity_poly.type
_entity_poly.pdbx_seq_one_letter_code
_entity_poly.pdbx_strand_id
1 'polypeptide(L)'
;KVFERCELARTLKRLGMDGYRGISLANWMCLAKWESGYNTRATNYNAGDRSTDYGIFQINSRYWCNDGKTPGAVNACHLS
CSALLQDNIADAVACAKRVVRDPQGIRAWVAWRNRCQNRDVRQYVQGCGV
;
A,C
2 'polypeptide(L)'
;GAMGEITIKLPDSVKVSTNSILYKCGAKDLSVTYYNAGDISLAKLELEDETVVASNVISGSGAKYAGSVYIWWTKGKTAS
LYNLIDNPEEDKPISCVEQ
;
B,D
#
# COMPACT_ATOMS: atom_id res chain seq x y z
N LYS A 1 -15.37 0.21 -29.61
CA LYS A 1 -16.71 -0.37 -29.47
C LYS A 1 -17.31 -0.07 -28.09
N VAL A 2 -18.56 0.41 -28.08
CA VAL A 2 -19.28 0.52 -26.82
C VAL A 2 -20.21 -0.68 -26.68
N PHE A 3 -19.99 -1.50 -25.64
CA PHE A 3 -20.84 -2.67 -25.42
C PHE A 3 -22.21 -2.26 -24.87
N GLU A 4 -23.25 -2.99 -25.26
CA GLU A 4 -24.50 -2.97 -24.52
C GLU A 4 -24.30 -3.84 -23.26
N ARG A 5 -24.93 -3.47 -22.16
CA ARG A 5 -24.69 -4.11 -20.86
C ARG A 5 -24.81 -5.63 -20.90
N CYS A 6 -25.95 -6.16 -21.35
CA CYS A 6 -26.14 -7.62 -21.32
C CYS A 6 -25.21 -8.34 -22.28
N GLU A 7 -24.91 -7.70 -23.41
CA GLU A 7 -23.95 -8.22 -24.38
C GLU A 7 -22.61 -8.42 -23.69
N LEU A 8 -22.19 -7.41 -22.92
CA LEU A 8 -20.92 -7.51 -22.22
C LEU A 8 -20.95 -8.61 -21.15
N ALA A 9 -22.03 -8.65 -20.37
CA ALA A 9 -22.16 -9.63 -19.31
C ALA A 9 -22.05 -11.06 -19.84
N ARG A 10 -22.69 -11.33 -20.97
CA ARG A 10 -22.63 -12.66 -21.56
C ARG A 10 -21.22 -13.00 -22.02
N THR A 11 -20.54 -12.01 -22.58
CA THR A 11 -19.18 -12.18 -23.06
C THR A 11 -18.23 -12.49 -21.89
N LEU A 12 -18.36 -11.72 -20.82
CA LEU A 12 -17.48 -11.92 -19.67
C LEU A 12 -17.76 -13.27 -19.01
N LYS A 13 -19.02 -13.67 -18.97
CA LYS A 13 -19.37 -14.96 -18.39
C LYS A 13 -18.75 -16.10 -19.19
N ARG A 14 -18.80 -16.01 -20.52
CA ARG A 14 -18.18 -17.03 -21.36
C ARG A 14 -16.69 -17.11 -21.16
N LEU A 15 -16.07 -15.99 -20.82
CA LEU A 15 -14.62 -15.96 -20.61
C LEU A 15 -14.25 -16.24 -19.16
N GLY A 16 -15.19 -16.82 -18.40
CA GLY A 16 -14.90 -17.31 -17.07
C GLY A 16 -14.67 -16.25 -16.01
N MET A 17 -15.27 -15.08 -16.18
CA MET A 17 -15.06 -13.99 -15.23
C MET A 17 -15.90 -14.07 -13.96
N ASP A 18 -17.05 -14.74 -14.01
CA ASP A 18 -17.92 -14.84 -12.84
C ASP A 18 -17.32 -15.73 -11.76
N GLY A 19 -16.92 -15.13 -10.64
CA GLY A 19 -16.29 -15.88 -9.57
C GLY A 19 -14.78 -15.93 -9.70
N TYR A 20 -14.24 -15.33 -10.76
CA TYR A 20 -12.81 -15.35 -10.95
C TYR A 20 -12.12 -14.67 -9.78
N ARG A 21 -11.20 -15.39 -9.15
CA ARG A 21 -10.56 -14.99 -7.90
C ARG A 21 -11.56 -14.39 -6.91
N GLY A 22 -12.75 -14.99 -6.88
CA GLY A 22 -13.79 -14.56 -5.96
C GLY A 22 -14.55 -13.31 -6.34
N ILE A 23 -14.34 -12.81 -7.56
N ILE A 23 -14.34 -12.82 -7.56
CA ILE A 23 -15.02 -11.59 -7.99
CA ILE A 23 -15.01 -11.61 -8.05
C ILE A 23 -16.28 -11.89 -8.81
C ILE A 23 -16.30 -11.94 -8.80
N SER A 24 -17.42 -11.37 -8.36
CA SER A 24 -18.69 -11.63 -9.04
C SER A 24 -18.73 -10.93 -10.39
N LEU A 25 -19.46 -11.53 -11.33
CA LEU A 25 -19.68 -10.91 -12.64
C LEU A 25 -20.25 -9.50 -12.45
N ALA A 26 -21.13 -9.34 -11.46
CA ALA A 26 -21.73 -8.03 -11.23
C ALA A 26 -20.70 -6.97 -10.88
N ASN A 27 -19.72 -7.33 -10.07
CA ASN A 27 -18.66 -6.38 -9.75
C ASN A 27 -17.77 -6.03 -10.95
N TRP A 28 -17.49 -7.01 -11.79
CA TRP A 28 -16.75 -6.72 -13.02
C TRP A 28 -17.53 -5.77 -13.89
N MET A 29 -18.86 -5.95 -13.95
CA MET A 29 -19.70 -5.10 -14.79
C MET A 29 -19.72 -3.67 -14.27
N CYS A 30 -19.88 -3.53 -12.95
CA CYS A 30 -19.86 -2.20 -12.35
C CYS A 30 -18.51 -1.52 -12.56
N LEU A 31 -17.44 -2.29 -12.46
CA LEU A 31 -16.09 -1.78 -12.75
C LEU A 31 -16.02 -1.25 -14.20
N ALA A 32 -16.48 -2.05 -15.16
CA ALA A 32 -16.43 -1.63 -16.56
C ALA A 32 -17.28 -0.39 -16.79
N LYS A 33 -18.43 -0.33 -16.15
CA LYS A 33 -19.33 0.81 -16.34
C LYS A 33 -18.64 2.12 -15.94
N TRP A 34 -18.04 2.12 -14.76
CA TRP A 34 -17.50 3.37 -14.22
C TRP A 34 -16.10 3.69 -14.64
N GLU A 35 -15.33 2.69 -15.06
CA GLU A 35 -14.00 2.95 -15.56
C GLU A 35 -14.06 3.51 -16.97
N SER A 36 -14.93 2.95 -17.81
CA SER A 36 -14.88 3.27 -19.24
C SER A 36 -16.23 3.46 -19.92
N GLY A 37 -17.34 3.28 -19.19
CA GLY A 37 -18.64 3.27 -19.85
C GLY A 37 -18.79 2.15 -20.88
N TYR A 38 -18.14 1.01 -20.63
CA TYR A 38 -18.18 -0.18 -21.50
C TYR A 38 -17.56 0.07 -22.87
N ASN A 39 -16.59 0.99 -22.92
CA ASN A 39 -16.02 1.46 -24.19
C ASN A 39 -14.59 0.96 -24.37
N THR A 40 -14.39 0.09 -25.37
CA THR A 40 -13.08 -0.51 -25.56
C THR A 40 -12.04 0.49 -26.05
N ARG A 41 -12.50 1.67 -26.47
CA ARG A 41 -11.59 2.67 -27.02
C ARG A 41 -11.22 3.75 -26.02
N ALA A 42 -11.82 3.72 -24.83
CA ALA A 42 -11.56 4.76 -23.84
C ALA A 42 -10.07 4.83 -23.48
N THR A 43 -9.55 6.04 -23.36
CA THR A 43 -8.20 6.26 -22.82
C THR A 43 -8.24 7.43 -21.86
N ASN A 44 -7.32 7.43 -20.90
CA ASN A 44 -7.26 8.52 -19.93
C ASN A 44 -5.80 8.75 -19.56
N TYR A 45 -5.33 9.97 -19.70
CA TYR A 45 -3.93 10.28 -19.42
C TYR A 45 -3.72 10.74 -17.97
N ASN A 46 -2.71 10.19 -17.32
CA ASN A 46 -2.35 10.57 -15.95
C ASN A 46 -1.07 11.40 -15.94
N ALA A 47 -1.22 12.71 -15.78
CA ALA A 47 -0.10 13.63 -15.95
C ALA A 47 0.97 13.41 -14.89
N GLY A 48 0.56 12.89 -13.74
CA GLY A 48 1.48 12.60 -12.65
C GLY A 48 2.69 11.74 -13.00
N ASP A 49 2.45 10.56 -13.57
CA ASP A 49 3.55 9.66 -13.86
C ASP A 49 3.66 9.40 -15.37
N ARG A 50 2.89 10.19 -16.12
CA ARG A 50 2.86 10.14 -17.57
C ARG A 50 2.38 8.80 -18.13
N SER A 51 1.54 8.12 -17.38
CA SER A 51 0.96 6.88 -17.85
C SER A 51 -0.43 7.12 -18.42
N THR A 52 -0.96 6.12 -19.10
CA THR A 52 -2.29 6.20 -19.68
C THR A 52 -3.05 4.92 -19.33
N ASP A 53 -4.36 5.06 -19.08
CA ASP A 53 -5.24 3.92 -18.86
C ASP A 53 -5.92 3.57 -20.16
N TYR A 54 -5.96 2.28 -20.50
CA TYR A 54 -6.45 1.85 -21.81
C TYR A 54 -7.64 0.91 -21.77
N GLY A 55 -8.67 1.25 -22.53
CA GLY A 55 -9.68 0.27 -22.86
C GLY A 55 -10.80 0.12 -21.86
N ILE A 56 -11.51 -0.99 -21.99
CA ILE A 56 -12.75 -1.19 -21.27
C ILE A 56 -12.55 -1.30 -19.76
N PHE A 57 -11.36 -1.78 -19.36
CA PHE A 57 -11.01 -1.91 -17.95
C PHE A 57 -9.99 -0.86 -17.52
N GLN A 58 -9.69 0.06 -18.43
CA GLN A 58 -8.78 1.17 -18.15
C GLN A 58 -7.50 0.70 -17.53
N ILE A 59 -6.84 -0.24 -18.18
CA ILE A 59 -5.65 -0.83 -17.62
C ILE A 59 -4.43 0.07 -17.84
N ASN A 60 -3.65 0.30 -16.78
CA ASN A 60 -2.60 1.32 -16.77
C ASN A 60 -1.25 0.92 -17.41
N SER A 61 -0.66 1.85 -18.15
CA SER A 61 0.56 1.59 -18.95
C SER A 61 1.89 1.56 -18.17
N ARG A 62 1.87 1.96 -16.90
N ARG A 62 1.86 1.95 -16.91
CA ARG A 62 3.10 1.89 -16.10
CA ARG A 62 3.08 1.90 -16.10
C ARG A 62 3.37 0.46 -15.67
C ARG A 62 3.37 0.46 -15.68
N TYR A 63 2.31 -0.29 -15.42
CA TYR A 63 2.47 -1.65 -14.90
C TYR A 63 2.11 -2.82 -15.82
N TRP A 64 1.10 -2.64 -16.68
CA TRP A 64 0.49 -3.80 -17.31
C TRP A 64 0.69 -3.98 -18.81
N CYS A 65 0.81 -2.88 -19.54
CA CYS A 65 0.99 -2.97 -20.99
C CYS A 65 2.03 -1.98 -21.46
N ASN A 66 2.52 -2.20 -22.69
CA ASN A 66 3.57 -1.36 -23.26
C ASN A 66 2.98 -0.34 -24.25
N ASP A 67 3.11 0.95 -23.94
CA ASP A 67 2.59 1.97 -24.85
C ASP A 67 3.67 2.80 -25.54
N GLY A 68 4.93 2.50 -25.20
CA GLY A 68 6.08 3.14 -25.83
C GLY A 68 6.38 4.57 -25.40
N LYS A 69 5.57 5.12 -24.50
CA LYS A 69 5.79 6.51 -24.07
C LYS A 69 5.60 6.73 -22.57
N THR A 70 5.60 5.64 -21.81
CA THR A 70 5.48 5.72 -20.35
C THR A 70 6.80 5.32 -19.70
N PRO A 71 7.42 6.25 -18.96
CA PRO A 71 8.68 5.90 -18.27
C PRO A 71 8.46 4.86 -17.17
N GLY A 72 9.40 3.93 -17.04
CA GLY A 72 9.33 2.93 -15.99
C GLY A 72 8.37 1.78 -16.22
N ALA A 73 7.90 1.63 -17.46
CA ALA A 73 6.93 0.60 -17.80
C ALA A 73 7.46 -0.82 -17.61
N VAL A 74 6.65 -1.71 -17.02
CA VAL A 74 7.04 -3.11 -16.76
C VAL A 74 6.36 -4.15 -17.67
N ASN A 75 5.17 -3.83 -18.17
CA ASN A 75 4.44 -4.69 -19.10
C ASN A 75 4.18 -6.10 -18.57
N ALA A 76 3.54 -6.20 -17.42
CA ALA A 76 3.32 -7.50 -16.81
C ALA A 76 2.31 -8.38 -17.54
N CYS A 77 1.49 -7.80 -18.43
CA CYS A 77 0.53 -8.60 -19.19
C CYS A 77 1.13 -9.05 -20.51
N HIS A 78 2.31 -8.54 -20.84
CA HIS A 78 2.96 -8.84 -22.11
C HIS A 78 2.04 -8.52 -23.30
N LEU A 79 1.59 -7.27 -23.36
CA LEU A 79 0.73 -6.79 -24.44
C LEU A 79 1.11 -5.37 -24.81
N SER A 80 0.97 -5.01 -26.08
CA SER A 80 0.98 -3.60 -26.44
C SER A 80 -0.32 -3.04 -25.89
N CYS A 81 -0.29 -1.78 -25.49
CA CYS A 81 -1.52 -1.14 -25.00
C CYS A 81 -2.58 -1.06 -26.10
N SER A 82 -2.16 -1.05 -27.36
CA SER A 82 -3.11 -1.01 -28.46
C SER A 82 -3.97 -2.26 -28.51
N ALA A 83 -3.45 -3.37 -28.00
CA ALA A 83 -4.22 -4.61 -27.94
C ALA A 83 -5.43 -4.43 -27.02
N LEU A 84 -5.36 -3.44 -26.13
CA LEU A 84 -6.40 -3.18 -25.14
C LEU A 84 -7.37 -2.15 -25.65
N LEU A 85 -7.25 -1.79 -26.93
CA LEU A 85 -8.19 -0.85 -27.54
C LEU A 85 -8.93 -1.51 -28.68
N GLN A 86 -9.05 -2.83 -28.64
CA GLN A 86 -9.70 -3.59 -29.71
C GLN A 86 -11.13 -3.98 -29.36
N ASP A 87 -11.97 -4.15 -30.39
CA ASP A 87 -13.37 -4.55 -30.19
C ASP A 87 -13.47 -5.91 -29.49
N ASN A 88 -12.54 -6.80 -29.82
CA ASN A 88 -12.48 -8.09 -29.18
C ASN A 88 -11.76 -7.91 -27.85
N ILE A 89 -12.42 -8.28 -26.76
CA ILE A 89 -11.87 -8.00 -25.44
C ILE A 89 -11.15 -9.18 -24.80
N ALA A 90 -10.76 -10.17 -25.61
CA ALA A 90 -10.04 -11.32 -25.06
C ALA A 90 -8.76 -10.94 -24.32
N ASP A 91 -7.94 -10.10 -24.95
CA ASP A 91 -6.69 -9.65 -24.33
C ASP A 91 -6.95 -8.81 -23.07
N ALA A 92 -7.92 -7.90 -23.13
CA ALA A 92 -8.26 -7.10 -21.95
C ALA A 92 -8.70 -7.97 -20.75
N VAL A 93 -9.50 -8.99 -21.03
CA VAL A 93 -9.94 -9.92 -19.99
C VAL A 93 -8.77 -10.71 -19.42
N ALA A 94 -7.90 -11.21 -20.29
CA ALA A 94 -6.69 -11.91 -19.84
C ALA A 94 -5.84 -11.01 -18.94
N CYS A 95 -5.70 -9.76 -19.31
CA CYS A 95 -4.88 -8.83 -18.53
C CYS A 95 -5.57 -8.51 -17.20
N ALA A 96 -6.87 -8.27 -17.23
CA ALA A 96 -7.62 -8.00 -16.01
C ALA A 96 -7.51 -9.16 -15.03
N LYS A 97 -7.52 -10.40 -15.54
CA LYS A 97 -7.36 -11.56 -14.67
C LYS A 97 -5.98 -11.55 -14.02
N ARG A 98 -4.99 -11.04 -14.73
CA ARG A 98 -3.64 -10.94 -14.16
C ARG A 98 -3.61 -9.85 -13.09
N VAL A 99 -4.24 -8.71 -13.38
CA VAL A 99 -4.26 -7.58 -12.44
C VAL A 99 -4.84 -8.00 -11.08
N VAL A 100 -5.92 -8.78 -11.11
CA VAL A 100 -6.61 -9.11 -9.86
C VAL A 100 -5.90 -10.10 -8.96
N ARG A 101 -4.78 -10.66 -9.42
CA ARG A 101 -3.94 -11.46 -8.53
C ARG A 101 -3.36 -10.59 -7.42
N ASP A 102 -3.30 -9.27 -7.66
CA ASP A 102 -2.85 -8.27 -6.68
C ASP A 102 -3.44 -8.52 -5.31
N PRO A 103 -2.75 -8.07 -4.24
CA PRO A 103 -3.36 -8.18 -2.91
C PRO A 103 -4.66 -7.38 -2.85
N GLN A 104 -4.72 -6.26 -3.58
CA GLN A 104 -5.93 -5.46 -3.66
C GLN A 104 -7.13 -6.25 -4.24
N GLY A 105 -6.86 -7.17 -5.16
CA GLY A 105 -7.93 -7.76 -5.95
C GLY A 105 -8.61 -6.67 -6.78
N ILE A 106 -9.94 -6.64 -6.78
CA ILE A 106 -10.64 -5.67 -7.61
C ILE A 106 -10.46 -4.23 -7.10
N ARG A 107 -9.97 -4.08 -5.87
CA ARG A 107 -9.64 -2.75 -5.34
C ARG A 107 -8.49 -2.07 -6.08
N ALA A 108 -7.92 -2.74 -7.07
CA ALA A 108 -6.84 -2.15 -7.86
C ALA A 108 -7.36 -1.10 -8.83
N TRP A 109 -8.68 -1.06 -9.03
CA TRP A 109 -9.27 -0.06 -9.90
C TRP A 109 -9.94 1.03 -9.11
N VAL A 110 -9.52 2.27 -9.35
CA VAL A 110 -10.03 3.39 -8.56
C VAL A 110 -11.52 3.70 -8.81
N ALA A 111 -12.01 3.52 -10.05
CA ALA A 111 -13.42 3.81 -10.31
C ALA A 111 -14.31 2.78 -9.62
N TRP A 112 -13.82 1.56 -9.49
CA TRP A 112 -14.57 0.54 -8.76
C TRP A 112 -14.63 0.93 -7.28
N ARG A 113 -13.50 1.36 -6.73
CA ARG A 113 -13.50 1.83 -5.35
C ARG A 113 -14.49 2.96 -5.14
N ASN A 114 -14.50 3.92 -6.05
CA ASN A 114 -15.29 5.13 -5.89
C ASN A 114 -16.79 4.92 -6.12
N ARG A 115 -17.13 4.00 -7.02
CA ARG A 115 -18.52 3.87 -7.48
C ARG A 115 -19.22 2.54 -7.18
N CYS A 116 -18.45 1.50 -6.89
CA CYS A 116 -19.02 0.16 -6.72
C CYS A 116 -18.75 -0.43 -5.35
N GLN A 117 -17.57 -0.17 -4.79
CA GLN A 117 -17.24 -0.66 -3.46
C GLN A 117 -18.29 -0.21 -2.43
N ASN A 118 -18.66 -1.14 -1.55
CA ASN A 118 -19.64 -0.90 -0.48
C ASN A 118 -21.08 -0.76 -0.95
N ARG A 119 -21.32 -0.90 -2.26
CA ARG A 119 -22.69 -0.84 -2.80
C ARG A 119 -23.18 -2.20 -3.31
N ASP A 120 -24.50 -2.36 -3.32
CA ASP A 120 -25.15 -3.51 -3.94
C ASP A 120 -25.06 -3.35 -5.47
N VAL A 121 -24.45 -4.31 -6.14
CA VAL A 121 -24.25 -4.15 -7.59
C VAL A 121 -24.98 -5.23 -8.37
N ARG A 122 -25.88 -5.95 -7.70
CA ARG A 122 -26.58 -7.07 -8.33
C ARG A 122 -27.36 -6.65 -9.57
N GLN A 123 -27.81 -5.40 -9.61
CA GLN A 123 -28.58 -4.91 -10.75
C GLN A 123 -27.82 -5.01 -12.08
N TYR A 124 -26.50 -4.98 -12.04
CA TYR A 124 -25.71 -5.04 -13.28
C TYR A 124 -25.86 -6.37 -14.02
N VAL A 125 -26.30 -7.43 -13.35
CA VAL A 125 -26.47 -8.71 -14.06
C VAL A 125 -27.93 -9.13 -14.16
N GLN A 126 -28.83 -8.23 -13.81
CA GLN A 126 -30.25 -8.51 -13.85
C GLN A 126 -30.90 -8.11 -15.16
N GLY A 127 -32.04 -8.73 -15.48
CA GLY A 127 -32.83 -8.37 -16.65
C GLY A 127 -32.15 -8.66 -17.98
N CYS A 128 -31.32 -9.69 -18.01
CA CYS A 128 -30.60 -10.03 -19.24
C CYS A 128 -31.18 -11.19 -20.10
N GLY A 129 -31.40 -12.39 -19.54
CA GLY A 129 -31.08 -12.76 -18.19
C GLY A 129 -29.64 -13.25 -18.03
N ALA B 2 17.55 22.86 9.21
CA ALA B 2 18.83 22.50 8.58
C ALA B 2 18.79 22.61 7.06
N MET B 3 18.91 21.46 6.42
CA MET B 3 19.17 21.38 4.99
C MET B 3 18.06 21.90 4.06
N GLY B 4 16.79 21.57 4.35
CA GLY B 4 15.70 22.01 3.49
C GLY B 4 15.66 21.38 2.11
N GLU B 5 16.24 20.19 1.97
CA GLU B 5 16.15 19.45 0.73
C GLU B 5 16.50 17.99 0.93
N ILE B 6 15.76 17.13 0.26
CA ILE B 6 16.13 15.73 0.15
C ILE B 6 16.79 15.54 -1.20
N THR B 7 18.04 15.10 -1.20
CA THR B 7 18.74 14.81 -2.45
C THR B 7 18.96 13.31 -2.58
N ILE B 8 18.25 12.69 -3.51
CA ILE B 8 18.37 11.25 -3.77
C ILE B 8 19.30 11.02 -4.95
N LYS B 9 20.47 10.46 -4.67
CA LYS B 9 21.49 10.21 -5.69
C LYS B 9 21.23 8.88 -6.40
N LEU B 10 20.91 8.96 -7.69
CA LEU B 10 20.58 7.79 -8.48
C LEU B 10 21.86 7.18 -9.06
N PRO B 11 21.81 5.90 -9.43
CA PRO B 11 23.05 5.22 -9.83
C PRO B 11 23.35 5.34 -11.31
N ASP B 12 22.43 5.90 -12.08
CA ASP B 12 22.66 6.05 -13.53
C ASP B 12 22.31 7.46 -14.02
N SER B 13 22.42 7.69 -15.33
CA SER B 13 22.19 9.01 -15.92
C SER B 13 20.76 9.26 -16.38
N VAL B 14 19.80 8.58 -15.78
CA VAL B 14 18.39 8.73 -16.16
C VAL B 14 17.92 10.18 -16.11
N LYS B 15 17.03 10.55 -17.04
CA LYS B 15 16.44 11.89 -17.04
C LYS B 15 15.54 12.03 -15.81
N VAL B 16 15.65 13.18 -15.13
CA VAL B 16 14.78 13.46 -14.00
C VAL B 16 13.89 14.64 -14.39
N SER B 17 12.58 14.48 -14.25
CA SER B 17 11.68 15.60 -14.52
C SER B 17 10.91 15.97 -13.26
N THR B 18 10.61 17.26 -13.12
CA THR B 18 9.86 17.79 -11.99
C THR B 18 8.71 18.63 -12.52
N ASN B 19 7.53 18.51 -11.92
CA ASN B 19 6.34 19.14 -12.46
C ASN B 19 5.37 19.42 -11.33
N SER B 20 4.99 20.69 -11.17
CA SER B 20 4.04 21.07 -10.14
C SER B 20 2.65 21.19 -10.75
N ILE B 21 1.66 20.54 -10.13
CA ILE B 21 0.29 20.59 -10.62
C ILE B 21 -0.61 21.07 -9.50
N LEU B 22 -1.50 22.02 -9.82
CA LEU B 22 -2.39 22.61 -8.82
C LEU B 22 -3.74 21.91 -8.85
N TYR B 23 -4.27 21.59 -7.66
CA TYR B 23 -5.55 20.91 -7.55
C TYR B 23 -6.47 21.77 -6.72
N LYS B 24 -7.76 21.62 -6.96
CA LYS B 24 -8.77 22.20 -6.08
C LYS B 24 -9.46 21.04 -5.38
N CYS B 25 -9.50 21.08 -4.05
CA CYS B 25 -10.16 20.03 -3.28
C CYS B 25 -11.30 20.65 -2.50
N GLY B 26 -12.46 20.75 -3.14
CA GLY B 26 -13.57 21.48 -2.57
C GLY B 26 -13.24 22.96 -2.72
N ALA B 27 -13.16 23.65 -1.59
CA ALA B 27 -12.87 25.07 -1.61
C ALA B 27 -11.37 25.36 -1.47
N LYS B 28 -10.59 24.30 -1.27
CA LYS B 28 -9.18 24.45 -0.91
C LYS B 28 -8.21 24.17 -2.05
N ASP B 29 -7.04 24.80 -1.98
CA ASP B 29 -6.01 24.60 -2.98
C ASP B 29 -5.02 23.54 -2.51
N LEU B 30 -4.55 22.73 -3.44
CA LEU B 30 -3.55 21.71 -3.13
C LEU B 30 -2.48 21.68 -4.19
N SER B 31 -1.24 21.90 -3.78
N SER B 31 -1.24 21.91 -3.77
N SER B 31 -1.24 21.93 -3.79
CA SER B 31 -0.12 21.85 -4.70
CA SER B 31 -0.09 21.86 -4.67
CA SER B 31 -0.13 21.85 -4.75
C SER B 31 0.60 20.51 -4.57
C SER B 31 0.59 20.50 -4.56
C SER B 31 0.60 20.53 -4.58
N VAL B 32 0.77 19.84 -5.70
CA VAL B 32 1.48 18.55 -5.72
C VAL B 32 2.63 18.67 -6.70
N THR B 33 3.81 18.26 -6.27
CA THR B 33 4.95 18.23 -7.17
C THR B 33 5.27 16.79 -7.50
N TYR B 34 5.39 16.47 -8.79
CA TYR B 34 5.73 15.12 -9.22
C TYR B 34 7.16 15.05 -9.69
N TYR B 35 7.85 14.00 -9.24
CA TYR B 35 9.25 13.75 -9.60
C TYR B 35 9.29 12.44 -10.34
N ASN B 36 9.75 12.47 -11.59
CA ASN B 36 9.80 11.24 -12.38
C ASN B 36 11.20 10.99 -12.91
N ALA B 37 11.70 9.79 -12.63
CA ALA B 37 13.02 9.38 -13.05
C ALA B 37 12.94 7.92 -13.47
N GLY B 38 12.52 7.68 -14.71
CA GLY B 38 12.35 6.31 -15.19
C GLY B 38 11.36 5.52 -14.36
N ASP B 39 11.83 4.45 -13.73
CA ASP B 39 11.00 3.59 -12.90
C ASP B 39 10.39 4.31 -11.69
N ILE B 40 10.98 5.44 -11.31
CA ILE B 40 10.63 6.10 -10.06
C ILE B 40 9.64 7.20 -10.31
N SER B 41 8.59 7.25 -9.49
CA SER B 41 7.64 8.34 -9.58
C SER B 41 7.19 8.69 -8.16
N LEU B 42 7.47 9.92 -7.74
CA LEU B 42 7.16 10.36 -6.38
C LEU B 42 6.26 11.58 -6.45
N ALA B 43 5.47 11.80 -5.42
CA ALA B 43 4.61 12.98 -5.36
C ALA B 43 4.77 13.65 -4.02
N LYS B 44 5.14 14.92 -4.00
CA LYS B 44 5.13 15.68 -2.76
C LYS B 44 3.80 16.40 -2.69
N LEU B 45 3.05 16.15 -1.64
CA LEU B 45 1.78 16.80 -1.44
C LEU B 45 1.90 17.77 -0.29
N GLU B 46 1.63 19.05 -0.55
CA GLU B 46 1.64 20.00 0.54
C GLU B 46 0.22 20.14 1.08
N LEU B 47 -0.14 19.21 1.96
CA LEU B 47 -1.45 19.19 2.60
C LEU B 47 -1.48 20.22 3.72
N GLU B 48 -2.67 20.61 4.18
CA GLU B 48 -2.75 21.59 5.27
C GLU B 48 -2.15 21.04 6.57
N ASP B 49 -2.37 19.75 6.84
CA ASP B 49 -1.96 19.16 8.10
C ASP B 49 -0.55 18.54 8.08
N GLU B 50 0.11 18.54 6.91
CA GLU B 50 1.32 17.73 6.73
C GLU B 50 1.93 17.93 5.33
N THR B 51 3.25 17.85 5.23
CA THR B 51 3.89 17.70 3.92
C THR B 51 4.31 16.24 3.75
N VAL B 52 3.77 15.59 2.73
CA VAL B 52 3.96 14.14 2.55
C VAL B 52 4.71 13.89 1.24
N VAL B 53 5.59 12.89 1.23
CA VAL B 53 6.14 12.44 -0.04
C VAL B 53 5.67 11.01 -0.26
N ALA B 54 4.93 10.80 -1.35
CA ALA B 54 4.35 9.47 -1.63
C ALA B 54 4.98 8.88 -2.87
N SER B 55 5.03 7.55 -2.91
CA SER B 55 5.63 6.88 -4.05
C SER B 55 4.55 6.21 -4.88
N ASN B 56 4.70 6.27 -6.20
CA ASN B 56 3.77 5.61 -7.10
C ASN B 56 3.85 4.11 -6.86
N VAL B 57 2.69 3.47 -6.67
CA VAL B 57 2.62 2.03 -6.41
C VAL B 57 1.69 1.36 -7.40
N ILE B 58 1.82 0.03 -7.51
CA ILE B 58 1.04 -0.74 -8.46
C ILE B 58 -0.47 -0.49 -8.31
N SER B 59 -1.12 -0.26 -9.45
CA SER B 59 -2.58 -0.11 -9.48
C SER B 59 -3.08 -0.65 -10.81
N GLY B 60 -4.38 -0.95 -10.88
CA GLY B 60 -4.97 -1.42 -12.12
C GLY B 60 -5.23 -0.24 -13.04
N SER B 61 -5.87 0.79 -12.50
CA SER B 61 -6.13 2.03 -13.22
C SER B 61 -5.63 3.25 -12.43
N GLY B 62 -5.45 4.36 -13.13
CA GLY B 62 -5.07 5.61 -12.50
C GLY B 62 -3.61 5.59 -12.08
N ALA B 63 -3.16 6.68 -11.46
CA ALA B 63 -1.81 6.74 -10.91
C ALA B 63 -1.94 6.89 -9.40
N LYS B 64 -1.49 5.84 -8.71
CA LYS B 64 -1.73 5.69 -7.28
C LYS B 64 -0.42 5.91 -6.53
N TYR B 65 -0.44 6.80 -5.53
CA TYR B 65 0.75 7.11 -4.73
C TYR B 65 0.48 6.81 -3.25
N ALA B 66 1.45 6.20 -2.58
CA ALA B 66 1.27 5.87 -1.16
C ALA B 66 2.38 6.48 -0.34
N GLY B 67 2.01 7.07 0.80
CA GLY B 67 2.99 7.67 1.69
C GLY B 67 2.35 8.02 3.01
N SER B 68 3.07 7.72 4.10
CA SER B 68 2.53 7.97 5.44
C SER B 68 1.15 7.34 5.60
N VAL B 69 0.19 8.10 6.10
CA VAL B 69 -1.16 7.56 6.29
C VAL B 69 -2.08 7.76 5.07
N TYR B 70 -1.49 8.21 3.96
CA TYR B 70 -2.31 8.61 2.82
C TYR B 70 -2.15 7.75 1.60
N ILE B 71 -3.21 7.72 0.79
N ILE B 71 -3.21 7.71 0.80
CA ILE B 71 -3.10 7.26 -0.58
CA ILE B 71 -3.15 7.26 -0.58
C ILE B 71 -3.63 8.39 -1.45
C ILE B 71 -3.63 8.41 -1.44
N TRP B 72 -2.85 8.77 -2.46
CA TRP B 72 -3.24 9.82 -3.39
C TRP B 72 -3.40 9.17 -4.75
N TRP B 73 -4.61 9.17 -5.30
CA TRP B 73 -4.89 8.34 -6.47
C TRP B 73 -5.54 9.20 -7.54
N THR B 74 -4.82 9.43 -8.64
CA THR B 74 -5.33 10.28 -9.70
C THR B 74 -5.90 9.41 -10.81
N LYS B 75 -6.88 9.96 -11.52
CA LYS B 75 -7.35 9.34 -12.74
C LYS B 75 -7.79 10.45 -13.68
N GLY B 76 -7.06 10.63 -14.78
CA GLY B 76 -7.34 11.74 -15.67
C GLY B 76 -7.19 13.04 -14.90
N LYS B 77 -8.24 13.86 -14.89
CA LYS B 77 -8.21 15.19 -14.27
C LYS B 77 -8.69 15.19 -12.81
N THR B 78 -9.08 14.03 -12.31
CA THR B 78 -9.61 13.92 -10.96
C THR B 78 -8.61 13.24 -10.02
N ALA B 79 -8.87 13.33 -8.72
CA ALA B 79 -8.02 12.64 -7.74
C ALA B 79 -8.79 12.39 -6.45
N SER B 80 -8.40 11.34 -5.72
CA SER B 80 -8.96 11.04 -4.42
C SER B 80 -7.83 11.02 -3.40
N LEU B 81 -8.01 11.66 -2.26
CA LEU B 81 -7.02 11.57 -1.18
C LEU B 81 -7.65 10.78 -0.06
N TYR B 82 -7.10 9.59 0.21
CA TYR B 82 -7.58 8.72 1.28
C TYR B 82 -6.72 8.92 2.53
N ASN B 83 -7.37 8.96 3.70
CA ASN B 83 -6.64 9.04 4.97
C ASN B 83 -6.95 7.77 5.76
N LEU B 84 -5.96 6.90 5.85
CA LEU B 84 -6.18 5.55 6.36
C LEU B 84 -6.24 5.50 7.90
N ILE B 85 -5.92 6.61 8.54
CA ILE B 85 -6.09 6.72 10.00
C ILE B 85 -7.47 7.25 10.35
N ASP B 86 -7.89 8.31 9.67
CA ASP B 86 -9.20 8.89 9.93
C ASP B 86 -10.31 8.06 9.28
N ASN B 87 -9.99 7.42 8.16
CA ASN B 87 -10.98 6.73 7.36
C ASN B 87 -10.45 5.39 6.86
N PRO B 88 -10.13 4.47 7.79
CA PRO B 88 -9.54 3.18 7.41
C PRO B 88 -10.43 2.34 6.51
N GLU B 89 -11.73 2.61 6.51
CA GLU B 89 -12.66 1.92 5.61
C GLU B 89 -12.53 2.41 4.16
N GLU B 90 -11.79 3.49 3.97
CA GLU B 90 -11.48 4.05 2.64
C GLU B 90 -12.70 4.40 1.79
N ASP B 91 -13.81 4.74 2.42
CA ASP B 91 -15.02 5.09 1.66
C ASP B 91 -15.35 6.58 1.66
N LYS B 92 -14.50 7.37 2.31
CA LYS B 92 -14.71 8.83 2.33
C LYS B 92 -13.45 9.63 2.00
N PRO B 93 -12.87 9.38 0.81
CA PRO B 93 -11.71 10.18 0.41
C PRO B 93 -12.10 11.62 0.14
N ILE B 94 -11.13 12.52 0.17
CA ILE B 94 -11.35 13.89 -0.27
C ILE B 94 -11.18 13.90 -1.78
N SER B 95 -12.13 14.51 -2.48
N SER B 95 -12.13 14.55 -2.46
CA SER B 95 -12.08 14.50 -3.94
CA SER B 95 -12.15 14.59 -3.92
C SER B 95 -11.50 15.82 -4.44
C SER B 95 -11.51 15.86 -4.45
N CYS B 96 -10.64 15.72 -5.44
CA CYS B 96 -9.89 16.85 -5.97
C CYS B 96 -9.94 16.86 -7.49
N VAL B 97 -9.72 18.03 -8.08
N VAL B 97 -9.70 18.02 -8.08
CA VAL B 97 -9.70 18.19 -9.54
CA VAL B 97 -9.66 18.14 -9.53
C VAL B 97 -8.52 19.08 -9.90
C VAL B 97 -8.52 19.08 -9.90
N GLU B 98 -7.86 18.80 -11.02
CA GLU B 98 -6.80 19.68 -11.51
C GLU B 98 -7.38 21.06 -11.82
N GLN B 99 -6.70 22.13 -11.41
CA GLN B 99 -7.18 23.49 -11.68
C GLN B 99 -6.78 23.98 -13.08
N LYS C 1 6.47 -8.62 31.53
CA LYS C 1 5.91 -9.94 31.83
C LYS C 1 5.94 -10.81 30.58
N VAL C 2 6.34 -12.07 30.73
CA VAL C 2 6.19 -13.05 29.66
C VAL C 2 5.03 -13.98 30.00
N PHE C 3 3.98 -13.92 29.19
CA PHE C 3 2.79 -14.76 29.41
C PHE C 3 3.11 -16.21 29.09
N GLU C 4 2.45 -17.16 29.77
CA GLU C 4 2.42 -18.52 29.21
C GLU C 4 1.30 -18.59 28.17
N ARG C 5 1.42 -19.53 27.22
CA ARG C 5 0.47 -19.68 26.12
C ARG C 5 -1.01 -19.62 26.54
N CYS C 6 -1.45 -20.58 27.36
CA CYS C 6 -2.88 -20.64 27.69
C CYS C 6 -3.35 -19.45 28.53
N GLU C 7 -2.46 -18.98 29.40
CA GLU C 7 -2.72 -17.78 30.20
C GLU C 7 -3.06 -16.59 29.30
N LEU C 8 -2.24 -16.39 28.28
CA LEU C 8 -2.52 -15.31 27.33
C LEU C 8 -3.82 -15.54 26.56
N ALA C 9 -4.06 -16.78 26.14
CA ALA C 9 -5.27 -17.08 25.37
C ALA C 9 -6.52 -16.68 26.17
N ARG C 10 -6.52 -16.98 27.47
CA ARG C 10 -7.64 -16.62 28.34
C ARG C 10 -7.76 -15.12 28.54
N THR C 11 -6.61 -14.47 28.68
CA THR C 11 -6.56 -13.02 28.87
C THR C 11 -7.11 -12.32 27.63
N LEU C 12 -6.71 -12.79 26.45
CA LEU C 12 -7.18 -12.18 25.21
C LEU C 12 -8.68 -12.44 25.00
N LYS C 13 -9.13 -13.66 25.29
CA LYS C 13 -10.56 -13.97 25.20
C LYS C 13 -11.36 -13.07 26.12
N ARG C 14 -10.86 -12.87 27.33
CA ARG C 14 -11.51 -12.04 28.33
C ARG C 14 -11.60 -10.58 27.90
N LEU C 15 -10.62 -10.11 27.13
CA LEU C 15 -10.60 -8.73 26.66
C LEU C 15 -11.26 -8.58 25.29
N GLY C 16 -11.99 -9.61 24.86
CA GLY C 16 -12.82 -9.50 23.68
C GLY C 16 -12.18 -9.66 22.32
N MET C 17 -11.05 -10.38 22.26
CA MET C 17 -10.32 -10.53 21.01
C MET C 17 -10.78 -11.69 20.14
N ASP C 18 -11.42 -12.70 20.74
CA ASP C 18 -11.79 -13.89 19.96
C ASP C 18 -12.82 -13.54 18.88
N GLY C 19 -12.38 -13.52 17.63
CA GLY C 19 -13.27 -13.27 16.52
C GLY C 19 -13.44 -11.80 16.23
N TYR C 20 -12.73 -10.94 16.98
CA TYR C 20 -12.88 -9.50 16.79
C TYR C 20 -12.46 -9.11 15.38
N ARG C 21 -13.35 -8.41 14.68
CA ARG C 21 -13.16 -8.05 13.29
C ARG C 21 -12.70 -9.24 12.43
N GLY C 22 -13.23 -10.42 12.76
CA GLY C 22 -12.98 -11.60 11.97
C GLY C 22 -11.70 -12.36 12.28
N ILE C 23 -10.99 -11.92 13.31
CA ILE C 23 -9.70 -12.54 13.65
C ILE C 23 -9.86 -13.53 14.80
N SER C 24 -9.58 -14.81 14.55
CA SER C 24 -9.75 -15.82 15.58
C SER C 24 -8.74 -15.64 16.70
N LEU C 25 -9.08 -16.14 17.88
CA LEU C 25 -8.16 -16.11 19.03
C LEU C 25 -6.82 -16.74 18.68
N ALA C 26 -6.84 -17.82 17.92
CA ALA C 26 -5.59 -18.50 17.58
C ALA C 26 -4.68 -17.63 16.73
N ASN C 27 -5.26 -16.80 15.87
CA ASN C 27 -4.46 -15.89 15.07
C ASN C 27 -3.83 -14.78 15.90
N TRP C 28 -4.57 -14.26 16.87
CA TRP C 28 -3.98 -13.24 17.75
C TRP C 28 -2.84 -13.83 18.55
N MET C 29 -2.98 -15.09 18.95
CA MET C 29 -1.95 -15.80 19.69
C MET C 29 -0.69 -15.99 18.86
N CYS C 30 -0.88 -16.49 17.64
CA CYS C 30 0.25 -16.64 16.72
C CYS C 30 0.99 -15.33 16.49
N LEU C 31 0.23 -14.25 16.30
CA LEU C 31 0.83 -12.91 16.16
C LEU C 31 1.69 -12.53 17.38
N ALA C 32 1.12 -12.67 18.58
CA ALA C 32 1.87 -12.29 19.78
C ALA C 32 3.13 -13.15 19.89
N LYS C 33 3.01 -14.41 19.52
CA LYS C 33 4.13 -15.34 19.65
C LYS C 33 5.30 -14.90 18.79
N TRP C 34 5.02 -14.54 17.54
CA TRP C 34 6.10 -14.21 16.63
C TRP C 34 6.48 -12.75 16.62
N GLU C 35 5.59 -11.86 17.07
CA GLU C 35 5.97 -10.45 17.22
C GLU C 35 6.86 -10.26 18.44
N SER C 36 6.47 -10.82 19.59
CA SER C 36 7.15 -10.50 20.85
C SER C 36 7.59 -11.68 21.72
N GLY C 37 7.21 -12.90 21.36
CA GLY C 37 7.47 -14.02 22.26
C GLY C 37 6.60 -13.92 23.52
N TYR C 38 5.42 -13.32 23.37
CA TYR C 38 4.46 -13.11 24.47
C TYR C 38 5.03 -12.19 25.55
N ASN C 39 5.92 -11.28 25.16
CA ASN C 39 6.66 -10.48 26.14
C ASN C 39 6.18 -9.02 26.16
N THR C 40 5.55 -8.60 27.25
CA THR C 40 4.97 -7.25 27.33
C THR C 40 6.02 -6.14 27.34
N ARG C 41 7.26 -6.49 27.64
CA ARG C 41 8.34 -5.50 27.72
C ARG C 41 9.18 -5.36 26.45
N ALA C 42 8.88 -6.21 25.46
CA ALA C 42 9.66 -6.24 24.22
C ALA C 42 9.67 -4.87 23.54
N THR C 43 10.84 -4.38 23.17
CA THR C 43 10.92 -3.17 22.36
C THR C 43 11.93 -3.45 21.27
N ASN C 44 11.63 -2.97 20.08
CA ASN C 44 12.55 -3.19 18.96
C ASN C 44 12.65 -1.97 18.07
N TYR C 45 13.88 -1.51 17.87
CA TYR C 45 14.12 -0.26 17.15
C TYR C 45 14.23 -0.51 15.65
N ASN C 46 13.55 0.34 14.87
CA ASN C 46 13.68 0.33 13.42
C ASN C 46 14.54 1.50 12.96
N ALA C 47 15.79 1.21 12.61
CA ALA C 47 16.77 2.25 12.29
C ALA C 47 16.36 3.05 11.05
N GLY C 48 15.67 2.41 10.12
CA GLY C 48 15.24 3.06 8.89
C GLY C 48 14.38 4.30 9.02
N ASP C 49 13.41 4.29 9.94
CA ASP C 49 12.58 5.48 10.15
C ASP C 49 12.62 5.99 11.60
N ARG C 50 13.52 5.41 12.38
CA ARG C 50 13.73 5.80 13.79
C ARG C 50 12.49 5.59 14.68
N SER C 51 11.66 4.63 14.31
CA SER C 51 10.50 4.27 15.12
C SER C 51 10.85 3.04 15.95
N THR C 52 10.02 2.75 16.95
CA THR C 52 10.22 1.59 17.81
C THR C 52 8.90 0.83 17.91
N ASP C 53 8.98 -0.49 17.98
CA ASP C 53 7.80 -1.33 18.17
C ASP C 53 7.69 -1.68 19.65
N TYR C 54 6.49 -1.53 20.21
CA TYR C 54 6.32 -1.67 21.65
C TYR C 54 5.39 -2.80 22.08
N GLY C 55 5.91 -3.65 22.95
CA GLY C 55 5.08 -4.53 23.74
C GLY C 55 4.70 -5.83 23.08
N ILE C 56 3.64 -6.44 23.59
CA ILE C 56 3.32 -7.82 23.25
C ILE C 56 2.88 -7.94 21.78
N PHE C 57 2.35 -6.84 21.24
CA PHE C 57 1.93 -6.81 19.84
C PHE C 57 2.88 -5.99 18.95
N GLN C 58 3.97 -5.50 19.53
CA GLN C 58 4.99 -4.75 18.79
C GLN C 58 4.41 -3.63 17.96
N ILE C 59 3.58 -2.84 18.63
CA ILE C 59 2.88 -1.73 18.02
C ILE C 59 3.83 -0.55 17.80
N ASN C 60 3.79 0.01 16.60
CA ASN C 60 4.82 0.91 16.11
C ASN C 60 4.57 2.37 16.46
N SER C 61 5.64 3.05 16.87
CA SER C 61 5.53 4.40 17.41
C SER C 61 5.33 5.51 16.37
N ARG C 62 5.56 5.20 15.10
N ARG C 62 5.56 5.19 15.11
CA ARG C 62 5.33 6.21 14.05
CA ARG C 62 5.32 6.20 14.09
C ARG C 62 3.84 6.48 13.86
C ARG C 62 3.83 6.49 13.91
N TYR C 63 3.01 5.46 14.07
CA TYR C 63 1.58 5.58 13.81
C TYR C 63 0.65 5.52 15.02
N TRP C 64 0.98 4.72 16.02
CA TRP C 64 -0.05 4.33 16.96
C TRP C 64 0.05 4.92 18.36
N CYS C 65 1.27 5.10 18.85
CA CYS C 65 1.46 5.58 20.22
C CYS C 65 2.49 6.69 20.27
N ASN C 66 2.47 7.48 21.35
CA ASN C 66 3.48 8.54 21.51
C ASN C 66 4.67 8.13 22.39
N ASP C 67 5.87 8.06 21.81
CA ASP C 67 7.05 7.74 22.63
C ASP C 67 7.96 8.93 22.88
N GLY C 68 7.62 10.07 22.28
CA GLY C 68 8.31 11.33 22.55
C GLY C 68 9.61 11.51 21.79
N LYS C 69 10.00 10.51 21.01
CA LYS C 69 11.27 10.55 20.28
C LYS C 69 11.21 9.96 18.86
N THR C 70 10.02 9.79 18.30
CA THR C 70 9.88 9.26 16.94
C THR C 70 9.49 10.37 15.98
N PRO C 71 10.20 10.48 14.84
CA PRO C 71 9.89 11.51 13.85
C PRO C 71 8.57 11.23 13.12
N GLY C 72 7.65 12.20 13.15
CA GLY C 72 6.41 12.12 12.40
C GLY C 72 5.27 11.35 13.05
N ALA C 73 5.28 11.26 14.37
CA ALA C 73 4.33 10.39 15.09
C ALA C 73 2.89 10.92 15.21
N VAL C 74 1.92 10.05 14.95
CA VAL C 74 0.51 10.46 14.86
C VAL C 74 -0.39 9.99 16.03
N ASN C 75 0.10 9.06 16.85
CA ASN C 75 -0.59 8.63 18.07
C ASN C 75 -2.07 8.31 17.88
N ALA C 76 -2.36 7.44 16.92
CA ALA C 76 -3.74 7.11 16.59
C ALA C 76 -4.49 6.38 17.71
N CYS C 77 -3.75 5.70 18.60
CA CYS C 77 -4.38 5.01 19.72
C CYS C 77 -4.59 5.87 20.98
N HIS C 78 -4.05 7.09 20.96
CA HIS C 78 -4.15 8.02 22.10
C HIS C 78 -3.49 7.46 23.38
N LEU C 79 -2.30 6.89 23.23
CA LEU C 79 -1.56 6.27 24.34
C LEU C 79 -0.10 6.68 24.26
N SER C 80 0.55 6.82 25.42
CA SER C 80 1.99 6.89 25.43
C SER C 80 2.48 5.45 25.20
N CYS C 81 3.60 5.30 24.53
CA CYS C 81 4.12 3.97 24.24
C CYS C 81 4.44 3.16 25.51
N SER C 82 4.70 3.87 26.61
CA SER C 82 4.94 3.23 27.90
C SER C 82 3.72 2.43 28.38
N ALA C 83 2.52 2.87 28.00
CA ALA C 83 1.31 2.13 28.30
C ALA C 83 1.27 0.75 27.62
N LEU C 84 2.02 0.61 26.53
CA LEU C 84 2.12 -0.67 25.85
C LEU C 84 3.23 -1.57 26.39
N LEU C 85 3.82 -1.18 27.53
CA LEU C 85 4.89 -1.99 28.14
C LEU C 85 4.48 -2.48 29.54
N GLN C 86 3.17 -2.52 29.78
CA GLN C 86 2.67 -2.86 31.12
C GLN C 86 2.24 -4.32 31.20
N ASP C 87 2.25 -4.89 32.41
CA ASP C 87 1.77 -6.26 32.61
C ASP C 87 0.30 -6.40 32.25
N ASN C 88 -0.47 -5.36 32.54
CA ASN C 88 -1.89 -5.35 32.16
C ASN C 88 -1.99 -4.94 30.70
N ILE C 89 -2.45 -5.85 29.84
CA ILE C 89 -2.40 -5.59 28.41
C ILE C 89 -3.70 -5.04 27.85
N ALA C 90 -4.58 -4.55 28.72
CA ALA C 90 -5.85 -3.97 28.26
C ALA C 90 -5.64 -2.84 27.24
N ASP C 91 -4.72 -1.93 27.52
CA ASP C 91 -4.43 -0.84 26.59
C ASP C 91 -3.83 -1.36 25.27
N ALA C 92 -2.92 -2.33 25.36
CA ALA C 92 -2.37 -2.94 24.13
C ALA C 92 -3.46 -3.59 23.29
N VAL C 93 -4.41 -4.25 23.96
CA VAL C 93 -5.52 -4.88 23.26
C VAL C 93 -6.42 -3.81 22.62
N ALA C 94 -6.73 -2.76 23.37
CA ALA C 94 -7.50 -1.65 22.79
C ALA C 94 -6.80 -1.08 21.57
N CYS C 95 -5.48 -0.95 21.62
CA CYS C 95 -4.74 -0.41 20.49
C CYS C 95 -4.74 -1.37 19.30
N ALA C 96 -4.54 -2.66 19.56
CA ALA C 96 -4.56 -3.65 18.48
C ALA C 96 -5.91 -3.71 17.79
N LYS C 97 -7.00 -3.51 18.53
CA LYS C 97 -8.32 -3.49 17.92
C LYS C 97 -8.47 -2.33 16.93
N ARG C 98 -7.75 -1.25 17.19
CA ARG C 98 -7.74 -0.09 16.31
C ARG C 98 -6.85 -0.34 15.09
N VAL C 99 -5.65 -0.87 15.33
CA VAL C 99 -4.73 -1.19 14.24
C VAL C 99 -5.38 -2.10 13.20
N VAL C 100 -6.16 -3.06 13.67
CA VAL C 100 -6.69 -4.09 12.78
C VAL C 100 -7.87 -3.60 11.92
N ARG C 101 -8.30 -2.36 12.15
CA ARG C 101 -9.30 -1.69 11.31
C ARG C 101 -8.67 -1.25 10.00
N ASP C 102 -7.33 -1.16 9.98
CA ASP C 102 -6.58 -0.84 8.78
C ASP C 102 -7.04 -1.71 7.58
N PRO C 103 -6.93 -1.18 6.36
CA PRO C 103 -7.31 -2.01 5.20
C PRO C 103 -6.60 -3.36 5.14
N GLN C 104 -5.40 -3.43 5.71
CA GLN C 104 -4.62 -4.68 5.73
C GLN C 104 -5.20 -5.72 6.71
N GLY C 105 -5.97 -5.24 7.68
CA GLY C 105 -6.42 -6.08 8.76
C GLY C 105 -5.24 -6.66 9.53
N ILE C 106 -5.29 -7.97 9.78
CA ILE C 106 -4.26 -8.63 10.58
C ILE C 106 -2.91 -8.62 9.86
N ARG C 107 -2.94 -8.40 8.54
CA ARG C 107 -1.71 -8.29 7.75
C ARG C 107 -0.92 -7.01 8.01
N ALA C 108 -1.45 -6.14 8.86
CA ALA C 108 -0.71 -4.95 9.27
C ALA C 108 0.51 -5.32 10.12
N TRP C 109 0.53 -6.54 10.66
CA TRP C 109 1.66 -7.00 11.46
C TRP C 109 2.54 -7.91 10.62
N VAL C 110 3.81 -7.57 10.50
CA VAL C 110 4.68 -8.28 9.57
C VAL C 110 4.99 -9.69 10.06
N ALA C 111 5.07 -9.89 11.37
CA ALA C 111 5.31 -11.24 11.87
C ALA C 111 4.14 -12.17 11.62
N TRP C 112 2.92 -11.65 11.67
CA TRP C 112 1.77 -12.48 11.30
C TRP C 112 1.85 -12.87 9.83
N ARG C 113 2.18 -11.91 8.98
CA ARG C 113 2.35 -12.18 7.55
C ARG C 113 3.33 -13.31 7.28
N ASN C 114 4.47 -13.26 7.95
CA ASN C 114 5.56 -14.18 7.62
C ASN C 114 5.54 -15.51 8.39
N ARG C 115 4.85 -15.54 9.53
CA ARG C 115 4.88 -16.73 10.38
C ARG C 115 3.51 -17.38 10.63
N CYS C 116 2.43 -16.64 10.36
CA CYS C 116 1.10 -17.13 10.71
C CYS C 116 0.17 -17.33 9.53
N GLN C 117 0.27 -16.45 8.54
CA GLN C 117 -0.61 -16.51 7.37
C GLN C 117 -0.50 -17.84 6.63
N ASN C 118 -1.63 -18.45 6.34
CA ASN C 118 -1.69 -19.79 5.74
C ASN C 118 -1.01 -20.91 6.56
N ARG C 119 -0.75 -20.67 7.84
CA ARG C 119 -0.27 -21.75 8.72
C ARG C 119 -1.43 -22.34 9.50
N ASP C 120 -1.18 -23.50 10.10
CA ASP C 120 -2.12 -24.13 11.03
C ASP C 120 -1.84 -23.49 12.39
N VAL C 121 -2.77 -22.66 12.88
CA VAL C 121 -2.57 -21.95 14.15
C VAL C 121 -3.35 -22.60 15.31
N ARG C 122 -3.90 -23.78 15.07
CA ARG C 122 -4.69 -24.47 16.10
C ARG C 122 -3.85 -24.73 17.35
N GLN C 123 -2.57 -25.00 17.16
CA GLN C 123 -1.68 -25.30 18.29
C GLN C 123 -1.61 -24.20 19.34
N TYR C 124 -1.91 -22.96 18.95
CA TYR C 124 -1.73 -21.84 19.87
C TYR C 124 -2.79 -21.79 20.96
N VAL C 125 -3.96 -22.38 20.69
CA VAL C 125 -5.04 -22.42 21.68
C VAL C 125 -5.43 -23.82 22.14
N GLN C 126 -4.73 -24.84 21.68
CA GLN C 126 -5.08 -26.22 22.04
C GLN C 126 -4.82 -26.49 23.53
N GLY C 127 -5.80 -27.09 24.20
CA GLY C 127 -5.64 -27.48 25.60
C GLY C 127 -5.90 -26.37 26.59
N CYS C 128 -6.30 -25.20 26.10
CA CYS C 128 -6.40 -24.02 26.95
C CYS C 128 -7.80 -23.82 27.53
N GLY C 129 -8.77 -24.55 26.99
CA GLY C 129 -10.15 -24.43 27.43
C GLY C 129 -10.77 -23.09 27.05
N VAL C 130 -10.37 -22.55 25.90
CA VAL C 130 -10.91 -21.27 25.42
C VAL C 130 -11.81 -21.46 24.19
N ALA D 2 27.19 14.16 -12.39
CA ALA D 2 27.18 13.45 -13.66
C ALA D 2 25.95 12.54 -13.76
N MET D 3 25.59 11.93 -12.64
CA MET D 3 24.45 11.01 -12.59
C MET D 3 23.17 11.73 -12.17
N GLY D 4 22.03 11.10 -12.40
CA GLY D 4 20.75 11.66 -12.02
C GLY D 4 20.60 11.89 -10.52
N GLU D 5 19.80 12.90 -10.17
CA GLU D 5 19.51 13.23 -8.79
C GLU D 5 18.08 13.70 -8.72
N ILE D 6 17.34 13.20 -7.73
CA ILE D 6 16.02 13.73 -7.42
C ILE D 6 16.16 14.70 -6.25
N THR D 7 15.78 15.96 -6.47
CA THR D 7 15.88 16.95 -5.42
C THR D 7 14.48 17.40 -4.98
N ILE D 8 14.15 17.12 -3.73
CA ILE D 8 12.85 17.49 -3.19
C ILE D 8 13.05 18.64 -2.21
N LYS D 9 12.48 19.81 -2.53
CA LYS D 9 12.71 20.99 -1.71
C LYS D 9 11.75 21.03 -0.54
N LEU D 10 12.26 21.41 0.64
CA LEU D 10 11.45 21.48 1.84
C LEU D 10 11.75 22.81 2.51
N PRO D 11 10.96 23.20 3.52
CA PRO D 11 11.33 24.43 4.24
C PRO D 11 12.73 24.37 4.83
N ASP D 12 13.40 25.52 4.86
CA ASP D 12 14.78 25.61 5.31
C ASP D 12 14.94 25.21 6.78
N SER D 13 13.82 25.14 7.49
CA SER D 13 13.82 24.79 8.90
C SER D 13 13.74 23.28 9.13
N VAL D 14 13.63 22.53 8.05
CA VAL D 14 13.49 21.08 8.16
C VAL D 14 14.82 20.36 7.98
N LYS D 15 15.25 19.66 9.02
CA LYS D 15 16.47 18.89 8.98
C LYS D 15 16.23 17.59 8.23
N VAL D 16 17.09 17.31 7.25
CA VAL D 16 17.00 16.09 6.48
C VAL D 16 18.18 15.19 6.82
N SER D 17 17.89 14.05 7.43
CA SER D 17 18.95 13.12 7.79
C SER D 17 18.95 11.99 6.79
N THR D 18 20.14 11.57 6.37
CA THR D 18 20.26 10.40 5.53
C THR D 18 21.15 9.35 6.19
N ASN D 19 21.04 8.10 5.73
CA ASN D 19 21.67 6.98 6.40
C ASN D 19 21.46 5.69 5.61
N SER D 20 22.53 4.95 5.39
CA SER D 20 22.42 3.70 4.65
C SER D 20 22.72 2.50 5.55
N ILE D 21 22.06 1.39 5.26
CA ILE D 21 22.24 0.16 6.03
C ILE D 21 22.51 -0.99 5.07
N LEU D 22 23.47 -1.84 5.42
CA LEU D 22 23.81 -3.00 4.61
C LEU D 22 23.08 -4.24 5.11
N TYR D 23 22.50 -5.01 4.18
CA TYR D 23 21.78 -6.23 4.53
C TYR D 23 22.35 -7.43 3.79
N LYS D 24 22.18 -8.60 4.37
CA LYS D 24 22.48 -9.85 3.68
C LYS D 24 21.16 -10.53 3.37
N CYS D 25 20.94 -10.85 2.09
CA CYS D 25 19.71 -11.50 1.66
C CYS D 25 20.08 -12.86 1.09
N GLY D 26 20.13 -13.87 1.96
CA GLY D 26 20.70 -15.15 1.58
C GLY D 26 22.16 -14.94 1.27
N ALA D 27 22.52 -15.01 -0.01
CA ALA D 27 23.92 -14.87 -0.41
C ALA D 27 24.24 -13.52 -1.05
N LYS D 28 23.21 -12.71 -1.29
CA LYS D 28 23.40 -11.45 -1.99
C LYS D 28 23.44 -10.26 -1.02
N ASP D 29 24.27 -9.27 -1.35
CA ASP D 29 24.33 -8.04 -0.57
C ASP D 29 23.23 -7.09 -1.02
N LEU D 30 22.64 -6.38 -0.06
CA LEU D 30 21.66 -5.34 -0.39
C LEU D 30 21.94 -4.07 0.43
N SER D 31 22.10 -2.96 -0.25
CA SER D 31 22.31 -1.70 0.45
C SER D 31 21.05 -0.84 0.29
N VAL D 32 20.52 -0.32 1.40
CA VAL D 32 19.33 0.51 1.36
C VAL D 32 19.69 1.87 1.96
N THR D 33 19.33 2.96 1.30
CA THR D 33 19.49 4.29 1.90
C THR D 33 18.17 4.86 2.34
N TYR D 34 18.14 5.37 3.57
CA TYR D 34 16.95 5.96 4.16
C TYR D 34 17.10 7.46 4.25
N TYR D 35 16.03 8.15 3.83
CA TYR D 35 15.97 9.60 3.89
C TYR D 35 14.89 9.96 4.88
N ASN D 36 15.26 10.72 5.91
CA ASN D 36 14.29 11.08 6.94
C ASN D 36 14.21 12.58 7.12
N ALA D 37 12.98 13.10 7.11
CA ALA D 37 12.75 14.54 7.25
C ALA D 37 11.36 14.78 7.81
N GLY D 38 11.27 15.03 9.12
CA GLY D 38 10.01 15.23 9.77
C GLY D 38 9.08 14.03 9.59
N ASP D 39 7.92 14.27 9.00
CA ASP D 39 6.93 13.21 8.77
C ASP D 39 7.33 12.27 7.61
N ILE D 40 8.31 12.69 6.80
CA ILE D 40 8.72 11.96 5.61
C ILE D 40 9.81 10.92 5.89
N SER D 41 9.60 9.72 5.37
CA SER D 41 10.62 8.68 5.47
C SER D 41 10.65 7.89 4.17
N LEU D 42 11.78 7.93 3.47
CA LEU D 42 11.91 7.25 2.18
C LEU D 42 13.02 6.22 2.22
N ALA D 43 12.87 5.16 1.44
CA ALA D 43 13.89 4.13 1.31
C ALA D 43 14.25 3.89 -0.15
N LYS D 44 15.53 4.00 -0.48
CA LYS D 44 15.96 3.70 -1.85
C LYS D 44 16.67 2.35 -1.94
N LEU D 45 16.18 1.47 -2.80
CA LEU D 45 16.82 0.18 -3.04
C LEU D 45 17.28 0.10 -4.49
N GLU D 46 18.53 -0.29 -4.72
CA GLU D 46 19.00 -0.42 -6.09
C GLU D 46 19.12 -1.89 -6.49
N LEU D 47 18.17 -2.34 -7.30
CA LEU D 47 18.06 -3.74 -7.68
C LEU D 47 18.56 -3.90 -9.10
N GLU D 48 18.70 -5.16 -9.53
CA GLU D 48 19.16 -5.46 -10.89
C GLU D 48 18.29 -4.76 -11.93
N ASP D 49 18.90 -3.88 -12.71
CA ASP D 49 18.21 -3.01 -13.66
C ASP D 49 16.88 -2.44 -13.14
N GLU D 50 16.93 -1.86 -11.93
CA GLU D 50 15.78 -1.21 -11.33
C GLU D 50 16.16 -0.50 -10.04
N THR D 51 15.85 0.79 -9.96
CA THR D 51 16.03 1.52 -8.72
C THR D 51 14.64 1.85 -8.19
N VAL D 52 14.44 1.62 -6.89
CA VAL D 52 13.13 1.84 -6.30
C VAL D 52 13.29 2.88 -5.21
N VAL D 53 12.43 3.90 -5.22
CA VAL D 53 12.34 4.78 -4.06
C VAL D 53 10.96 4.56 -3.45
N ALA D 54 10.95 4.00 -2.24
CA ALA D 54 9.70 3.62 -1.58
C ALA D 54 9.41 4.56 -0.43
N SER D 55 8.13 4.78 -0.13
CA SER D 55 7.79 5.70 0.95
C SER D 55 7.28 4.94 2.15
N ASN D 56 7.63 5.39 3.34
CA ASN D 56 7.13 4.73 4.54
C ASN D 56 5.61 4.90 4.66
N VAL D 57 4.92 3.80 4.93
CA VAL D 57 3.46 3.79 5.00
C VAL D 57 3.00 3.11 6.27
N ILE D 58 1.70 3.22 6.54
N ILE D 58 1.72 3.24 6.55
CA ILE D 58 1.14 2.65 7.77
CA ILE D 58 1.16 2.71 7.80
C ILE D 58 1.43 1.17 7.92
C ILE D 58 1.37 1.20 7.95
N SER D 59 1.86 0.78 9.12
CA SER D 59 1.95 -0.62 9.46
C SER D 59 1.58 -0.75 10.93
N GLY D 60 1.22 -1.96 11.34
CA GLY D 60 1.03 -2.26 12.75
C GLY D 60 2.36 -2.42 13.46
N SER D 61 3.23 -3.23 12.87
CA SER D 61 4.58 -3.43 13.39
C SER D 61 5.64 -3.14 12.33
N GLY D 62 6.84 -2.80 12.77
CA GLY D 62 7.96 -2.61 11.87
C GLY D 62 7.88 -1.33 11.07
N ALA D 63 8.79 -1.18 10.12
CA ALA D 63 8.81 -0.01 9.25
C ALA D 63 8.59 -0.51 7.83
N LYS D 64 7.43 -0.16 7.27
CA LYS D 64 6.98 -0.63 5.96
C LYS D 64 7.11 0.48 4.92
N TYR D 65 7.69 0.17 3.77
CA TYR D 65 7.88 1.13 2.68
C TYR D 65 7.32 0.54 1.39
N ALA D 66 6.60 1.37 0.63
CA ALA D 66 5.99 0.91 -0.62
C ALA D 66 6.48 1.76 -1.76
N GLY D 67 6.85 1.12 -2.86
CA GLY D 67 7.15 1.87 -4.07
C GLY D 67 7.11 0.93 -5.25
N SER D 68 6.57 1.41 -6.38
CA SER D 68 6.48 0.60 -7.58
C SER D 68 5.80 -0.72 -7.22
N VAL D 69 6.40 -1.84 -7.59
CA VAL D 69 5.75 -3.13 -7.36
C VAL D 69 6.26 -3.79 -6.08
N TYR D 70 6.98 -3.02 -5.27
CA TYR D 70 7.66 -3.59 -4.11
C TYR D 70 7.11 -3.14 -2.77
N ILE D 71 7.28 -4.01 -1.78
N ILE D 71 7.30 -3.99 -1.78
CA ILE D 71 7.13 -3.63 -0.38
CA ILE D 71 7.15 -3.59 -0.39
C ILE D 71 8.42 -4.02 0.32
C ILE D 71 8.39 -4.02 0.34
N TRP D 72 9.04 -3.07 1.01
CA TRP D 72 10.25 -3.32 1.78
C TRP D 72 9.84 -3.09 3.23
N TRP D 73 9.96 -4.12 4.07
CA TRP D 73 9.40 -4.04 5.41
C TRP D 73 10.42 -4.58 6.44
N THR D 74 10.88 -3.68 7.32
CA THR D 74 11.90 -4.07 8.28
C THR D 74 11.25 -4.33 9.63
N LYS D 75 11.81 -5.28 10.38
CA LYS D 75 11.36 -5.51 11.75
C LYS D 75 12.63 -5.73 12.56
N GLY D 76 13.02 -4.72 13.33
CA GLY D 76 14.28 -4.82 14.07
C GLY D 76 15.48 -5.01 13.15
N LYS D 77 16.17 -6.14 13.30
CA LYS D 77 17.34 -6.42 12.47
C LYS D 77 17.04 -7.24 11.24
N THR D 78 15.76 -7.59 11.04
CA THR D 78 15.38 -8.38 9.88
C THR D 78 14.54 -7.54 8.91
N ALA D 79 14.36 -8.07 7.70
CA ALA D 79 13.58 -7.36 6.68
C ALA D 79 13.02 -8.33 5.65
N SER D 80 11.94 -7.92 4.99
CA SER D 80 11.31 -8.69 3.91
C SER D 80 11.14 -7.79 2.70
N LEU D 81 11.49 -8.30 1.52
CA LEU D 81 11.22 -7.61 0.26
C LEU D 81 10.17 -8.38 -0.53
N TYR D 82 8.98 -7.79 -0.66
CA TYR D 82 7.89 -8.42 -1.40
C TYR D 82 7.85 -7.87 -2.82
N ASN D 83 7.65 -8.76 -3.78
CA ASN D 83 7.46 -8.36 -5.18
C ASN D 83 6.03 -8.69 -5.59
N LEU D 84 5.21 -7.66 -5.78
CA LEU D 84 3.79 -7.86 -6.02
C LEU D 84 3.45 -8.34 -7.43
N ILE D 85 4.42 -8.27 -8.35
CA ILE D 85 4.25 -8.83 -9.70
C ILE D 85 4.67 -10.29 -9.79
N ASP D 86 5.86 -10.60 -9.29
CA ASP D 86 6.38 -11.97 -9.33
C ASP D 86 5.69 -12.83 -8.30
N ASN D 87 5.29 -12.22 -7.19
CA ASN D 87 4.71 -12.96 -6.08
C ASN D 87 3.53 -12.21 -5.47
N PRO D 88 2.42 -12.11 -6.22
CA PRO D 88 1.24 -11.37 -5.77
C PRO D 88 0.61 -11.90 -4.48
N GLU D 89 0.80 -13.19 -4.19
CA GLU D 89 0.28 -13.76 -2.95
C GLU D 89 1.04 -13.29 -1.71
N GLU D 90 2.20 -12.68 -1.93
CA GLU D 90 3.07 -12.20 -0.85
C GLU D 90 3.48 -13.28 0.14
N ASP D 91 3.52 -14.53 -0.31
CA ASP D 91 3.88 -15.64 0.59
C ASP D 91 5.35 -15.99 0.46
N LYS D 92 6.03 -15.42 -0.53
CA LYS D 92 7.45 -15.72 -0.75
C LYS D 92 8.36 -14.49 -0.86
N PRO D 93 8.39 -13.63 0.17
CA PRO D 93 9.33 -12.50 0.10
C PRO D 93 10.78 -12.97 0.16
N ILE D 94 11.70 -12.11 -0.23
CA ILE D 94 13.11 -12.37 0.01
C ILE D 94 13.42 -11.90 1.42
N SER D 95 13.99 -12.77 2.24
N SER D 95 13.99 -12.78 2.24
CA SER D 95 14.30 -12.41 3.62
CA SER D 95 14.33 -12.44 3.62
C SER D 95 15.72 -11.85 3.74
C SER D 95 15.73 -11.83 3.71
N CYS D 96 15.87 -10.82 4.56
CA CYS D 96 17.15 -10.12 4.73
C CYS D 96 17.46 -9.92 6.20
N VAL D 97 18.74 -9.69 6.50
CA VAL D 97 19.17 -9.34 7.85
C VAL D 97 20.24 -8.25 7.77
N GLU D 98 20.21 -7.30 8.69
CA GLU D 98 21.25 -6.27 8.76
C GLU D 98 22.64 -6.91 8.88
N GLN D 99 23.60 -6.43 8.10
CA GLN D 99 25.01 -6.81 8.31
C GLN D 99 25.63 -5.92 9.38
#